data_7FBW
#
_entry.id   7FBW
#
_cell.length_a   62.211
_cell.length_b   105.992
_cell.length_c   118.077
_cell.angle_alpha   90.000
_cell.angle_beta   90.000
_cell.angle_gamma   90.000
#
_symmetry.space_group_name_H-M   'I 21 21 21'
#
loop_
_entity.id
_entity.type
_entity.pdbx_description
1 polymer 'Predicted xylanase/chitin deacetylase'
2 non-polymer 'NICKEL (II) ION'
3 water water
#
_entity_poly.entity_id   1
_entity_poly.type   'polypeptide(L)'
_entity_poly.pdbx_seq_one_letter_code
;GPYKYITEDKYLQTNFYSANQKENVNLNTLDSKSNNSKTITSEERPLSETEQNYVSSTPEPSTPEKVLEKHNKDLDNDPN
ISQFILNFVNRPERDKLFGSPVAFSKKVLGSNPSSGKEVALTFDDGPFPIYTEKYVDILKSMDVKATFFVIGKHAEKHPE
LLKYIVENGNEIGLHSYSHFNMKKLKPEKMVEELYKTQQIIVEATGIKPTLFRPPFGAYNSTLIEISNALGLKVVLWNVD
PDDWRNPSVESVVNRVLSHTRDGSIILMHEGKPSTLAALPQIIKKLKEEGYKFVTVSELLEKRD
;
_entity_poly.pdbx_strand_id   A
#
# COMPACT_ATOMS: atom_id res chain seq x y z
N GLY A 116 11.05 -15.95 -13.21
CA GLY A 116 10.64 -14.69 -13.84
C GLY A 116 10.60 -13.53 -12.85
N LYS A 117 10.26 -12.37 -13.35
CA LYS A 117 10.31 -11.08 -12.64
C LYS A 117 8.96 -10.79 -11.96
N GLU A 118 9.01 -10.24 -10.74
CA GLU A 118 7.81 -9.88 -9.94
C GLU A 118 7.91 -8.42 -9.53
N VAL A 119 6.74 -7.81 -9.39
CA VAL A 119 6.59 -6.40 -8.96
C VAL A 119 5.40 -6.32 -8.01
N ALA A 120 5.54 -5.47 -7.01
CA ALA A 120 4.49 -5.19 -6.01
C ALA A 120 4.05 -3.75 -6.19
N LEU A 121 2.82 -3.61 -6.71
CA LEU A 121 2.10 -2.31 -6.76
C LEU A 121 1.49 -2.04 -5.39
N THR A 122 1.69 -0.82 -4.89
CA THR A 122 1.24 -0.43 -3.56
C THR A 122 0.51 0.89 -3.62
N PHE A 123 -0.50 0.99 -2.79
CA PHE A 123 -1.30 2.23 -2.61
C PHE A 123 -1.40 2.61 -1.14
N ASP A 124 -0.95 3.81 -0.82
CA ASP A 124 -0.96 4.41 0.53
C ASP A 124 -2.18 5.31 0.72
N ASP A 125 -2.63 5.42 1.97
CA ASP A 125 -3.34 6.57 2.56
C ASP A 125 -4.85 6.38 2.51
N GLY A 126 -5.34 5.24 2.03
CA GLY A 126 -6.78 4.95 1.96
C GLY A 126 -7.30 4.30 3.24
N PRO A 127 -8.51 3.73 3.17
CA PRO A 127 -9.35 3.79 1.98
C PRO A 127 -10.05 5.14 1.80
N PHE A 128 -10.67 5.32 0.61
CA PHE A 128 -11.34 6.58 0.21
C PHE A 128 -12.67 6.23 -0.47
N PRO A 129 -13.80 6.87 -0.09
CA PRO A 129 -15.05 6.68 -0.85
C PRO A 129 -14.80 6.96 -2.34
N ILE A 130 -15.43 6.17 -3.21
CA ILE A 130 -15.30 6.24 -4.70
C ILE A 130 -13.99 5.57 -5.14
N TYR A 131 -12.83 6.13 -4.76
CA TYR A 131 -11.52 5.72 -5.34
C TYR A 131 -11.11 4.29 -4.96
N THR A 132 -11.30 3.85 -3.73
CA THR A 132 -10.84 2.49 -3.34
C THR A 132 -11.53 1.51 -4.28
N GLU A 133 -12.84 1.63 -4.39
CA GLU A 133 -13.68 0.72 -5.22
C GLU A 133 -13.18 0.73 -6.68
N LYS A 134 -12.82 1.90 -7.20
CA LYS A 134 -12.35 2.09 -8.59
C LYS A 134 -10.97 1.44 -8.79
N TYR A 135 -10.03 1.69 -7.87
CA TYR A 135 -8.70 1.04 -7.92
C TYR A 135 -8.91 -0.44 -7.89
N VAL A 136 -9.73 -0.96 -6.97
CA VAL A 136 -9.91 -2.42 -6.80
C VAL A 136 -10.49 -3.01 -8.11
N ASP A 137 -11.40 -2.31 -8.75
CA ASP A 137 -12.13 -2.89 -9.92
C ASP A 137 -11.16 -3.04 -11.07
N ILE A 138 -10.34 -2.01 -11.32
CA ILE A 138 -9.26 -2.05 -12.34
C ILE A 138 -8.33 -3.24 -12.09
N LEU A 139 -7.87 -3.42 -10.85
CA LEU A 139 -6.92 -4.52 -10.54
C LEU A 139 -7.62 -5.84 -10.85
N LYS A 140 -8.86 -6.01 -10.36
CA LYS A 140 -9.62 -7.28 -10.49
C LYS A 140 -9.85 -7.54 -11.99
N SER A 141 -10.15 -6.48 -12.75
CA SER A 141 -10.47 -6.60 -14.20
C SER A 141 -9.22 -7.08 -14.95
N MET A 142 -8.03 -6.80 -14.41
CA MET A 142 -6.76 -7.15 -15.10
C MET A 142 -6.08 -8.36 -14.46
N ASP A 143 -6.75 -9.07 -13.57
CA ASP A 143 -6.17 -10.31 -13.01
C ASP A 143 -4.87 -9.98 -12.25
N VAL A 144 -4.83 -8.85 -11.54
CA VAL A 144 -3.62 -8.30 -10.89
C VAL A 144 -3.95 -7.91 -9.43
N LYS A 145 -3.05 -8.14 -8.49
CA LYS A 145 -3.32 -7.88 -7.06
C LYS A 145 -2.30 -6.84 -6.60
N ALA A 146 -2.63 -6.13 -5.52
CA ALA A 146 -1.79 -5.07 -4.98
C ALA A 146 -1.86 -5.08 -3.46
N THR A 147 -1.14 -4.14 -2.89
CA THR A 147 -1.05 -4.01 -1.42
C THR A 147 -1.51 -2.62 -1.09
N PHE A 148 -2.46 -2.53 -0.18
CA PHE A 148 -3.00 -1.23 0.25
C PHE A 148 -2.53 -0.96 1.69
N PHE A 149 -1.80 0.14 1.88
CA PHE A 149 -1.34 0.58 3.22
C PHE A 149 -2.30 1.67 3.70
N VAL A 150 -3.19 1.25 4.58
CA VAL A 150 -4.36 2.07 4.99
C VAL A 150 -4.04 2.88 6.24
N ILE A 151 -4.56 4.09 6.31
CA ILE A 151 -4.52 4.93 7.52
C ILE A 151 -5.67 4.51 8.42
N GLY A 152 -5.41 4.25 9.69
CA GLY A 152 -6.43 3.72 10.61
C GLY A 152 -7.67 4.60 10.70
N LYS A 153 -7.50 5.92 10.77
CA LYS A 153 -8.64 6.85 10.93
C LYS A 153 -9.54 6.72 9.71
N HIS A 154 -8.97 6.41 8.55
CA HIS A 154 -9.77 6.24 7.29
C HIS A 154 -10.41 4.85 7.31
N ALA A 155 -9.65 3.86 7.74
CA ALA A 155 -10.08 2.46 7.75
C ALA A 155 -11.30 2.31 8.66
N GLU A 156 -11.32 2.99 9.79
CA GLU A 156 -12.40 2.72 10.78
C GLU A 156 -13.69 3.39 10.28
N LYS A 157 -13.61 4.46 9.49
CA LYS A 157 -14.79 5.11 8.85
C LYS A 157 -15.35 4.23 7.73
N HIS A 158 -14.61 3.27 7.15
CA HIS A 158 -14.98 2.62 5.86
C HIS A 158 -14.61 1.14 5.89
N PRO A 159 -15.14 0.39 6.87
CA PRO A 159 -14.85 -1.03 6.97
C PRO A 159 -15.23 -1.87 5.75
N GLU A 160 -16.32 -1.51 5.07
CA GLU A 160 -16.81 -2.19 3.85
C GLU A 160 -15.72 -2.03 2.74
N LEU A 161 -15.04 -0.90 2.66
CA LEU A 161 -13.97 -0.74 1.66
C LEU A 161 -12.77 -1.66 1.97
N LEU A 162 -12.46 -1.92 3.25
CA LEU A 162 -11.38 -2.86 3.65
C LEU A 162 -11.76 -4.24 3.17
N LYS A 163 -13.02 -4.63 3.40
CA LYS A 163 -13.52 -5.96 2.97
C LYS A 163 -13.43 -6.04 1.44
N TYR A 164 -13.70 -4.94 0.76
CA TYR A 164 -13.69 -4.92 -0.71
C TYR A 164 -12.26 -5.18 -1.19
N ILE A 165 -11.27 -4.57 -0.53
CA ILE A 165 -9.82 -4.74 -0.94
C ILE A 165 -9.48 -6.23 -0.86
N VAL A 166 -9.83 -6.86 0.25
CA VAL A 166 -9.35 -8.23 0.60
C VAL A 166 -10.18 -9.29 -0.13
N GLU A 167 -11.48 -9.07 -0.34
CA GLU A 167 -12.35 -10.03 -1.05
C GLU A 167 -11.83 -10.21 -2.47
N ASN A 168 -11.18 -9.20 -3.00
CA ASN A 168 -10.63 -9.19 -4.36
C ASN A 168 -9.15 -9.66 -4.42
N GLY A 169 -8.60 -10.23 -3.34
CA GLY A 169 -7.29 -10.94 -3.30
C GLY A 169 -6.12 -10.01 -2.98
N ASN A 170 -6.38 -8.77 -2.61
CA ASN A 170 -5.33 -7.75 -2.35
C ASN A 170 -4.91 -7.89 -0.89
N GLU A 171 -3.71 -7.43 -0.58
CA GLU A 171 -3.19 -7.42 0.81
C GLU A 171 -3.44 -6.02 1.39
N ILE A 172 -3.78 -5.98 2.67
CA ILE A 172 -3.80 -4.74 3.50
C ILE A 172 -2.62 -4.73 4.47
N GLY A 173 -1.90 -3.60 4.44
CA GLY A 173 -0.84 -3.24 5.40
C GLY A 173 -1.28 -2.03 6.18
N LEU A 174 -0.55 -1.71 7.24
CA LEU A 174 -0.81 -0.55 8.09
C LEU A 174 -0.05 0.64 7.51
N HIS A 175 -0.61 1.84 7.68
CA HIS A 175 0.10 3.12 7.41
C HIS A 175 -0.04 4.04 8.63
N SER A 176 -0.22 3.48 9.82
CA SER A 176 -0.45 4.16 11.13
C SER A 176 -1.92 4.57 11.27
N TYR A 177 -2.28 4.96 12.47
CA TYR A 177 -3.67 5.36 12.76
C TYR A 177 -3.88 6.80 12.33
N SER A 178 -2.93 7.66 12.68
CA SER A 178 -3.06 9.14 12.61
C SER A 178 -2.36 9.71 11.39
N HIS A 179 -1.42 8.96 10.80
CA HIS A 179 -0.61 9.44 9.64
C HIS A 179 0.28 10.61 10.04
N PHE A 180 0.79 10.63 11.26
CA PHE A 180 1.86 11.58 11.65
C PHE A 180 3.21 10.90 11.50
N ASN A 181 4.24 11.72 11.27
CA ASN A 181 5.65 11.30 11.28
C ASN A 181 5.90 10.61 12.61
N MET A 182 6.35 9.34 12.63
CA MET A 182 6.46 8.56 13.86
C MET A 182 7.90 8.58 14.41
N LYS A 183 8.78 9.35 13.78
CA LYS A 183 10.24 9.34 14.04
C LYS A 183 10.49 9.65 15.53
N LYS A 184 9.75 10.58 16.10
CA LYS A 184 10.02 11.08 17.47
C LYS A 184 8.97 10.58 18.46
N LEU A 185 8.11 9.64 18.12
CA LEU A 185 7.13 9.15 19.13
C LEU A 185 7.82 8.34 20.24
N LYS A 186 7.23 8.43 21.42
CA LYS A 186 7.51 7.47 22.52
C LYS A 186 7.04 6.08 22.12
N PRO A 187 7.71 5.04 22.63
CA PRO A 187 7.43 3.65 22.31
C PRO A 187 5.94 3.32 22.47
N GLU A 188 5.28 3.81 23.52
CA GLU A 188 3.87 3.43 23.81
C GLU A 188 2.96 4.08 22.79
N LYS A 189 3.32 5.25 22.29
CA LYS A 189 2.52 5.91 21.23
C LYS A 189 2.71 5.17 19.90
N MET A 190 3.90 4.64 19.62
CA MET A 190 4.13 3.79 18.42
C MET A 190 3.20 2.58 18.55
N VAL A 191 3.15 2.01 19.75
CA VAL A 191 2.29 0.82 19.97
C VAL A 191 0.84 1.20 19.69
N GLU A 192 0.35 2.30 20.27
CA GLU A 192 -1.07 2.68 20.15
C GLU A 192 -1.41 2.86 18.65
N GLU A 193 -0.57 3.56 17.91
CA GLU A 193 -0.77 3.85 16.46
C GLU A 193 -0.85 2.55 15.64
N LEU A 194 -0.01 1.57 15.93
CA LEU A 194 0.03 0.31 15.15
C LEU A 194 -1.08 -0.62 15.62
N TYR A 195 -1.20 -0.83 16.92
CA TYR A 195 -2.16 -1.82 17.48
C TYR A 195 -3.58 -1.39 17.14
N LYS A 196 -3.87 -0.11 17.25
CA LYS A 196 -5.24 0.37 16.95
C LYS A 196 -5.57 0.06 15.49
N THR A 197 -4.62 0.32 14.59
CA THR A 197 -4.85 0.10 13.15
C THR A 197 -4.94 -1.40 12.90
N GLN A 198 -4.06 -2.22 13.48
CA GLN A 198 -4.14 -3.68 13.28
C GLN A 198 -5.56 -4.17 13.68
N GLN A 199 -6.12 -3.63 14.75
CA GLN A 199 -7.41 -4.12 15.31
C GLN A 199 -8.57 -3.67 14.39
N ILE A 200 -8.53 -2.44 13.89
CA ILE A 200 -9.55 -1.95 12.91
C ILE A 200 -9.57 -2.90 11.74
N ILE A 201 -8.39 -3.25 11.22
CA ILE A 201 -8.32 -4.06 9.97
C ILE A 201 -8.86 -5.46 10.25
N VAL A 202 -8.38 -6.12 11.29
CA VAL A 202 -8.79 -7.53 11.55
C VAL A 202 -10.29 -7.56 11.92
N GLU A 203 -10.84 -6.53 12.55
CA GLU A 203 -12.28 -6.53 12.93
C GLU A 203 -13.09 -6.42 11.63
N ALA A 204 -12.63 -5.66 10.64
CA ALA A 204 -13.33 -5.48 9.36
C ALA A 204 -13.20 -6.71 8.45
N THR A 205 -12.03 -7.38 8.38
CA THR A 205 -11.72 -8.32 7.26
C THR A 205 -11.58 -9.75 7.77
N GLY A 206 -11.31 -9.92 9.07
CA GLY A 206 -10.89 -11.20 9.65
C GLY A 206 -9.48 -11.59 9.26
N ILE A 207 -8.73 -10.76 8.54
CA ILE A 207 -7.35 -11.12 8.12
C ILE A 207 -6.34 -10.17 8.79
N LYS A 208 -5.37 -10.72 9.50
CA LYS A 208 -4.40 -9.85 10.22
C LYS A 208 -3.32 -9.42 9.24
N PRO A 209 -3.10 -8.10 9.16
CA PRO A 209 -2.02 -7.57 8.35
C PRO A 209 -0.68 -7.99 8.96
N THR A 210 0.34 -8.06 8.14
CA THR A 210 1.69 -8.45 8.56
C THR A 210 2.70 -7.37 8.20
N LEU A 211 2.29 -6.30 7.55
CA LEU A 211 3.20 -5.26 7.03
C LEU A 211 2.78 -3.89 7.52
N PHE A 212 3.77 -3.02 7.61
CA PHE A 212 3.58 -1.64 8.09
C PHE A 212 4.53 -0.74 7.30
N ARG A 213 3.97 0.26 6.65
CA ARG A 213 4.74 1.31 5.97
C ARG A 213 4.62 2.58 6.78
N PRO A 214 5.72 3.10 7.34
CA PRO A 214 5.60 4.32 8.15
C PRO A 214 5.22 5.51 7.29
N PRO A 215 4.43 6.44 7.85
CA PRO A 215 4.23 7.73 7.21
C PRO A 215 5.56 8.42 6.86
N PHE A 216 5.64 8.90 5.62
CA PHE A 216 6.80 9.58 5.01
C PHE A 216 7.99 8.60 4.93
N GLY A 217 7.79 7.32 5.27
CA GLY A 217 8.93 6.39 5.33
C GLY A 217 9.87 6.71 6.49
N ALA A 218 9.43 7.50 7.47
CA ALA A 218 10.28 7.92 8.59
C ALA A 218 10.28 6.87 9.71
N TYR A 219 11.45 6.38 10.13
CA TYR A 219 11.53 5.34 11.18
C TYR A 219 12.86 5.43 11.90
N ASN A 220 12.95 4.73 13.01
CA ASN A 220 14.21 4.45 13.71
C ASN A 220 14.20 2.99 14.13
N SER A 221 15.26 2.57 14.82
CA SER A 221 15.44 1.19 15.28
C SER A 221 14.31 0.83 16.25
N THR A 222 13.85 1.75 17.04
CA THR A 222 12.83 1.44 18.06
C THR A 222 11.52 1.11 17.31
N LEU A 223 11.18 1.87 16.27
CA LEU A 223 9.94 1.60 15.55
C LEU A 223 10.02 0.21 14.91
N ILE A 224 11.19 -0.17 14.40
CA ILE A 224 11.39 -1.52 13.81
C ILE A 224 11.09 -2.55 14.90
N GLU A 225 11.70 -2.36 16.06
CA GLU A 225 11.59 -3.34 17.16
C GLU A 225 10.13 -3.45 17.64
N ILE A 226 9.45 -2.34 17.83
CA ILE A 226 8.01 -2.33 18.27
C ILE A 226 7.15 -3.02 17.18
N SER A 227 7.34 -2.66 15.92
CA SER A 227 6.61 -3.31 14.79
C SER A 227 6.78 -4.82 14.82
N ASN A 228 8.03 -5.29 14.94
CA ASN A 228 8.36 -6.73 14.96
C ASN A 228 7.67 -7.36 16.15
N ALA A 229 7.58 -6.65 17.26
CA ALA A 229 6.98 -7.24 18.48
C ALA A 229 5.47 -7.38 18.30
N LEU A 230 4.89 -6.61 17.39
CA LEU A 230 3.47 -6.75 17.04
C LEU A 230 3.24 -7.67 15.82
N GLY A 231 4.24 -8.41 15.37
CA GLY A 231 4.21 -9.34 14.23
C GLY A 231 4.15 -8.57 12.92
N LEU A 232 4.71 -7.36 12.85
CA LEU A 232 4.71 -6.52 11.61
C LEU A 232 6.12 -6.33 11.05
N LYS A 233 6.25 -6.43 9.74
CA LYS A 233 7.51 -6.06 9.05
C LYS A 233 7.35 -4.63 8.59
N VAL A 234 8.40 -3.85 8.71
CA VAL A 234 8.43 -2.47 8.20
C VAL A 234 8.83 -2.55 6.73
N VAL A 235 8.09 -1.86 5.89
CA VAL A 235 8.36 -1.82 4.43
C VAL A 235 8.33 -0.37 3.97
N LEU A 236 9.25 -0.06 3.09
CA LEU A 236 9.24 1.22 2.42
C LEU A 236 8.81 0.95 0.99
N TRP A 237 9.68 1.30 0.05
CA TRP A 237 9.41 1.22 -1.40
C TRP A 237 10.74 1.46 -2.10
N ASN A 238 10.82 1.14 -3.39
CA ASN A 238 12.10 1.39 -4.13
C ASN A 238 11.82 2.03 -5.50
N VAL A 239 10.58 2.24 -5.86
CA VAL A 239 10.18 3.01 -7.07
C VAL A 239 9.16 4.04 -6.63
N ASP A 240 9.44 5.32 -6.89
CA ASP A 240 8.61 6.44 -6.40
C ASP A 240 8.31 7.38 -7.58
N PRO A 241 7.22 7.21 -8.34
CA PRO A 241 6.92 8.12 -9.45
C PRO A 241 6.25 9.44 -9.01
N ASP A 242 6.32 9.78 -7.71
CA ASP A 242 5.93 11.10 -7.13
C ASP A 242 4.47 11.39 -7.51
N ASP A 243 3.58 10.40 -7.38
CA ASP A 243 2.14 10.53 -7.76
C ASP A 243 1.37 11.31 -6.69
N TRP A 244 2.02 11.69 -5.58
CA TRP A 244 1.36 12.51 -4.52
C TRP A 244 1.18 13.93 -5.04
N ARG A 245 2.26 14.62 -5.40
CA ARG A 245 2.21 15.96 -6.05
C ARG A 245 1.99 15.73 -7.56
N ASN A 246 0.70 15.76 -7.96
CA ASN A 246 0.11 15.08 -9.16
C ASN A 246 0.90 15.40 -10.42
N PRO A 247 1.55 14.40 -11.03
CA PRO A 247 2.11 14.57 -12.37
C PRO A 247 1.02 14.21 -13.40
N SER A 248 1.29 14.47 -14.69
CA SER A 248 0.49 13.95 -15.81
C SER A 248 0.46 12.44 -15.72
N VAL A 249 -0.58 11.81 -16.24
CA VAL A 249 -0.66 10.32 -16.27
C VAL A 249 0.49 9.79 -17.13
N GLU A 250 0.94 10.50 -18.16
CA GLU A 250 2.01 9.92 -19.02
C GLU A 250 3.34 9.89 -18.24
N SER A 251 3.60 10.87 -17.36
CA SER A 251 4.90 11.00 -16.65
C SER A 251 4.93 10.02 -15.46
N VAL A 252 3.77 9.72 -14.88
CA VAL A 252 3.60 8.68 -13.82
C VAL A 252 3.93 7.32 -14.45
N VAL A 253 3.33 7.04 -15.60
CA VAL A 253 3.57 5.79 -16.37
C VAL A 253 5.06 5.66 -16.65
N ASN A 254 5.70 6.72 -17.12
CA ASN A 254 7.09 6.64 -17.63
C ASN A 254 8.05 6.49 -16.45
N ARG A 255 7.76 7.11 -15.32
CA ARG A 255 8.64 6.99 -14.12
C ARG A 255 8.59 5.52 -13.66
N VAL A 256 7.40 4.95 -13.56
CA VAL A 256 7.23 3.53 -13.15
C VAL A 256 7.90 2.60 -14.17
N LEU A 257 7.64 2.78 -15.46
CA LEU A 257 8.17 1.82 -16.46
C LEU A 257 9.68 2.03 -16.61
N SER A 258 10.22 3.22 -16.37
CA SER A 258 11.69 3.43 -16.53
C SER A 258 12.43 2.87 -15.31
N HIS A 259 11.80 2.72 -14.14
CA HIS A 259 12.54 2.40 -12.88
C HIS A 259 12.23 0.96 -12.41
N THR A 260 11.18 0.33 -12.90
CA THR A 260 10.71 -0.98 -12.41
C THR A 260 11.71 -2.06 -12.79
N ARG A 261 12.10 -2.92 -11.83
CA ARG A 261 13.04 -4.06 -11.98
C ARG A 261 12.41 -5.24 -11.27
N ASP A 262 13.00 -6.42 -11.38
CA ASP A 262 12.58 -7.57 -10.54
C ASP A 262 12.72 -7.13 -9.07
N GLY A 263 11.68 -7.30 -8.26
CA GLY A 263 11.69 -6.95 -6.82
C GLY A 263 11.25 -5.53 -6.53
N SER A 264 10.83 -4.76 -7.53
CA SER A 264 10.31 -3.38 -7.33
C SER A 264 9.04 -3.38 -6.45
N ILE A 265 9.03 -2.44 -5.51
CA ILE A 265 7.85 -2.09 -4.67
C ILE A 265 7.50 -0.66 -5.06
N ILE A 266 6.39 -0.50 -5.79
CA ILE A 266 6.04 0.81 -6.38
C ILE A 266 5.16 1.58 -5.39
N LEU A 267 5.61 2.74 -4.96
CA LEU A 267 4.80 3.62 -4.10
C LEU A 267 3.81 4.42 -4.97
N MET A 268 2.52 4.17 -4.80
CA MET A 268 1.44 5.05 -5.33
C MET A 268 0.45 5.35 -4.20
N HIS A 269 -0.45 6.26 -4.48
CA HIS A 269 -1.40 6.82 -3.50
C HIS A 269 -2.79 6.50 -3.95
N GLU A 270 -3.61 6.10 -3.00
CA GLU A 270 -5.06 5.99 -3.22
C GLU A 270 -5.61 7.42 -3.42
N GLY A 271 -6.88 7.50 -3.84
CA GLY A 271 -7.70 8.72 -3.90
C GLY A 271 -7.20 9.72 -4.94
N LYS A 272 -6.53 9.27 -6.01
CA LYS A 272 -5.86 10.16 -6.98
C LYS A 272 -6.37 9.82 -8.40
N PRO A 273 -7.11 10.71 -9.08
CA PRO A 273 -7.60 10.38 -10.43
C PRO A 273 -6.43 10.13 -11.40
N SER A 274 -5.36 10.90 -11.30
CA SER A 274 -4.16 10.76 -12.17
C SER A 274 -3.55 9.36 -12.02
N THR A 275 -3.62 8.77 -10.80
CA THR A 275 -3.05 7.43 -10.51
C THR A 275 -4.00 6.41 -11.11
N LEU A 276 -5.31 6.58 -10.89
CA LEU A 276 -6.37 5.68 -11.42
C LEU A 276 -6.24 5.59 -12.96
N ALA A 277 -5.93 6.73 -13.57
CA ALA A 277 -5.74 6.89 -15.03
C ALA A 277 -4.51 6.10 -15.49
N ALA A 278 -3.43 6.10 -14.72
CA ALA A 278 -2.14 5.49 -15.13
C ALA A 278 -2.18 3.98 -14.98
N LEU A 279 -3.03 3.45 -14.10
CA LEU A 279 -2.95 2.02 -13.73
C LEU A 279 -3.01 1.12 -14.97
N PRO A 280 -3.95 1.34 -15.93
CA PRO A 280 -4.16 0.32 -16.95
C PRO A 280 -2.92 0.21 -17.85
N GLN A 281 -2.29 1.32 -18.17
CA GLN A 281 -1.04 1.37 -18.96
C GLN A 281 0.14 0.76 -18.18
N ILE A 282 0.22 0.98 -16.86
CA ILE A 282 1.33 0.40 -16.05
C ILE A 282 1.18 -1.12 -16.08
N ILE A 283 -0.01 -1.61 -15.79
CA ILE A 283 -0.26 -3.08 -15.76
C ILE A 283 0.01 -3.67 -17.15
N LYS A 284 -0.45 -2.98 -18.20
CA LYS A 284 -0.34 -3.55 -19.58
C LYS A 284 1.12 -3.69 -19.96
N LYS A 285 1.89 -2.61 -19.82
CA LYS A 285 3.30 -2.54 -20.25
C LYS A 285 4.15 -3.46 -19.38
N LEU A 286 3.89 -3.56 -18.07
CA LEU A 286 4.74 -4.44 -17.23
C LEU A 286 4.39 -5.88 -17.54
N LYS A 287 3.11 -6.16 -17.81
CA LYS A 287 2.77 -7.54 -18.24
C LYS A 287 3.51 -7.88 -19.54
N GLU A 288 3.65 -6.92 -20.45
CA GLU A 288 4.30 -7.20 -21.76
C GLU A 288 5.78 -7.43 -21.51
N GLU A 289 6.36 -6.84 -20.47
CA GLU A 289 7.80 -7.02 -20.13
C GLU A 289 8.01 -8.32 -19.33
N GLY A 290 6.96 -9.11 -19.11
CA GLY A 290 7.05 -10.42 -18.45
C GLY A 290 6.99 -10.35 -16.92
N TYR A 291 6.56 -9.23 -16.35
CA TYR A 291 6.35 -9.10 -14.87
C TYR A 291 5.07 -9.79 -14.44
N LYS A 292 5.16 -10.51 -13.34
CA LYS A 292 4.01 -10.99 -12.54
C LYS A 292 3.75 -10.01 -11.38
N PHE A 293 2.49 -9.69 -11.11
CA PHE A 293 2.06 -8.75 -10.04
C PHE A 293 1.82 -9.53 -8.78
N VAL A 294 2.52 -9.16 -7.71
CA VAL A 294 2.35 -9.89 -6.43
C VAL A 294 2.08 -8.89 -5.31
N THR A 295 1.60 -9.43 -4.22
CA THR A 295 1.54 -8.66 -2.96
C THR A 295 2.97 -8.44 -2.43
N VAL A 296 3.13 -7.44 -1.58
CA VAL A 296 4.44 -7.22 -0.90
C VAL A 296 4.84 -8.44 -0.10
N SER A 297 3.91 -9.04 0.62
CA SER A 297 4.23 -10.27 1.38
C SER A 297 4.75 -11.37 0.47
N GLU A 298 4.09 -11.65 -0.64
CA GLU A 298 4.58 -12.66 -1.59
C GLU A 298 5.96 -12.25 -2.12
N LEU A 299 6.16 -10.99 -2.46
CA LEU A 299 7.44 -10.50 -3.02
C LEU A 299 8.59 -10.76 -2.04
N LEU A 300 8.38 -10.54 -0.74
CA LEU A 300 9.46 -10.69 0.28
C LEU A 300 9.67 -12.14 0.74
N GLU A 301 8.62 -12.97 0.69
CA GLU A 301 8.50 -14.41 1.10
C GLU A 301 9.21 -14.72 2.42
#